data_2FA3
#
_entry.id   2FA3
#
_cell.length_a   61.600
_cell.length_b   61.600
_cell.length_c   411.790
_cell.angle_alpha   90.00
_cell.angle_beta   90.00
_cell.angle_gamma   120.00
#
_symmetry.space_group_name_H-M   'P 61 2 2'
#
loop_
_entity.id
_entity.type
_entity.pdbx_description
1 polymer 'HMG-CoA synthase'
2 non-polymer 'ACETYL COENZYME *A'
3 water water
#
_entity_poly.entity_id   1
_entity_poly.type   'polypeptide(L)'
_entity_poly.pdbx_seq_one_letter_code
;AKNVGILAMDIYFPPTCVQQEALEAHDGASKGKYTIGLGQDCLAFCTELEDVISMSFNAVTSLLEKYKIDPKQIGRLEVG
SETVIDKSKSIKTFLMQLFEKCGNTDVEGVDSTNA(SCY)YGGTAALLNCVNWVESNSWDGRYGLVICTDSAVYAEGPAR
PTGGAAAIAMLIGPDAPIVFESKLRGSHMAHVYDFYKPNLASEYPVVDGKLSQTCYLMALDSCYKHLCNKFEKLEGKEFS
INDADYFVFHSPYNKLVQKSFARLLYNDFLRNASSIDEAAKEKFTPYSSLSLDESYQSRDLEKVSQQLAKTYYDAKVQPT
TLVPKQVGNMYTASLYAAFASLVHNKHSDLAGKRVVMFSYGSGSTATMFSLRLCENQSPFSLSNIASVMDVGGKLKARHE
YAPEKFVETMKLMEHRYGAKEFVTSKEGILDLLAPGTYYLKEVDSLYRRFYGKK
;
_entity_poly.pdbx_strand_id   A
#
# COMPACT_ATOMS: atom_id res chain seq x y z
N ALA A 1 -17.53 14.23 16.98
CA ALA A 1 -17.17 13.83 15.61
C ALA A 1 -17.56 12.36 15.38
N LYS A 2 -18.40 12.13 14.35
CA LYS A 2 -19.05 10.80 14.10
C LYS A 2 -18.70 10.24 12.73
N ASN A 3 -18.65 8.90 12.62
CA ASN A 3 -18.45 8.23 11.34
C ASN A 3 -17.24 8.74 10.59
N VAL A 4 -16.17 8.86 11.35
CA VAL A 4 -14.89 9.33 10.84
C VAL A 4 -14.24 8.19 10.06
N GLY A 5 -13.67 8.59 8.93
CA GLY A 5 -12.78 7.75 8.15
C GLY A 5 -12.34 8.55 6.94
N ILE A 6 -12.38 7.88 5.78
CA ILE A 6 -11.73 8.43 4.58
C ILE A 6 -12.71 9.11 3.68
N LEU A 7 -12.51 10.41 3.51
CA LEU A 7 -13.47 11.21 2.78
C LEU A 7 -13.19 11.20 1.29
N ALA A 8 -11.92 11.03 0.93
CA ALA A 8 -11.46 11.28 -0.45
C ALA A 8 -10.08 10.73 -0.65
N MET A 9 -9.79 10.15 -1.79
CA MET A 9 -8.43 9.74 -2.00
C MET A 9 -8.00 9.94 -3.43
N ASP A 10 -6.68 10.03 -3.61
CA ASP A 10 -6.12 10.13 -4.94
C ASP A 10 -4.73 9.51 -4.97
N ILE A 11 -4.30 9.09 -6.16
CA ILE A 11 -3.10 8.27 -6.33
C ILE A 11 -2.23 8.79 -7.47
N TYR A 12 -0.92 8.56 -7.30
CA TYR A 12 0.04 8.82 -8.33
C TYR A 12 1.08 7.71 -8.38
N PHE A 13 1.46 7.33 -9.61
CA PHE A 13 2.58 6.43 -9.83
C PHE A 13 3.34 6.83 -11.09
N PRO A 14 4.69 6.68 -11.09
CA PRO A 14 5.41 7.15 -12.27
C PRO A 14 4.91 6.45 -13.54
N PRO A 15 4.84 7.20 -14.65
CA PRO A 15 4.28 6.60 -15.86
C PRO A 15 5.26 5.64 -16.44
N THR A 16 6.50 5.68 -15.98
CA THR A 16 7.57 4.89 -16.56
C THR A 16 7.66 3.48 -15.94
N CYS A 17 7.61 2.46 -16.79
CA CYS A 17 7.44 1.09 -16.32
C CYS A 17 8.11 0.08 -17.25
N VAL A 18 8.27 -1.15 -16.77
CA VAL A 18 8.88 -2.23 -17.56
C VAL A 18 7.95 -3.46 -17.48
N GLN A 19 7.81 -4.20 -18.59
CA GLN A 19 6.93 -5.38 -18.62
C GLN A 19 7.58 -6.63 -18.05
N GLN A 20 6.83 -7.38 -17.23
CA GLN A 20 7.35 -8.58 -16.59
C GLN A 20 7.76 -9.74 -17.58
N GLU A 21 6.94 -10.07 -18.58
CA GLU A 21 7.35 -11.07 -19.61
C GLU A 21 8.74 -10.74 -20.16
N ALA A 22 8.84 -9.51 -20.70
CA ALA A 22 10.08 -8.93 -21.25
C ALA A 22 11.28 -9.09 -20.32
N LEU A 23 11.03 -8.93 -19.00
CA LEU A 23 12.03 -9.03 -17.95
C LEU A 23 12.43 -10.47 -17.62
N GLU A 24 11.48 -11.39 -17.64
CA GLU A 24 11.87 -12.78 -17.59
C GLU A 24 12.91 -13.05 -18.70
N ALA A 25 12.61 -12.54 -19.90
CA ALA A 25 13.50 -12.75 -21.04
C ALA A 25 14.87 -12.14 -20.73
N HIS A 26 14.88 -10.95 -20.15
CA HIS A 26 16.12 -10.23 -19.92
C HIS A 26 16.97 -10.88 -18.83
N ASP A 27 16.36 -11.30 -17.75
CA ASP A 27 17.11 -12.09 -16.81
C ASP A 27 17.09 -13.43 -17.50
N GLY A 28 17.51 -14.51 -16.87
CA GLY A 28 17.25 -15.79 -17.53
C GLY A 28 16.20 -16.53 -16.74
N ALA A 29 15.06 -15.90 -16.47
CA ALA A 29 14.03 -16.59 -15.70
C ALA A 29 13.29 -17.55 -16.60
N SER A 30 12.84 -18.68 -16.04
CA SER A 30 11.91 -19.61 -16.71
C SER A 30 10.57 -18.88 -17.00
N LYS A 31 9.92 -19.27 -18.08
CA LYS A 31 8.81 -18.52 -18.65
C LYS A 31 7.70 -18.40 -17.63
N GLY A 32 7.23 -17.18 -17.35
CA GLY A 32 6.08 -17.04 -16.46
C GLY A 32 6.45 -17.12 -14.97
N LYS A 33 7.75 -17.11 -14.67
CA LYS A 33 8.21 -17.04 -13.28
C LYS A 33 7.91 -15.70 -12.66
N TYR A 34 7.78 -14.62 -13.43
CA TYR A 34 7.29 -13.40 -12.81
C TYR A 34 5.77 -13.27 -12.94
N THR A 35 5.24 -13.56 -14.14
CA THR A 35 3.82 -13.35 -14.40
C THR A 35 2.92 -14.29 -13.64
N ILE A 36 3.40 -15.51 -13.38
CA ILE A 36 2.61 -16.54 -12.70
C ILE A 36 3.21 -16.79 -11.34
N GLY A 37 4.50 -17.05 -11.28
CA GLY A 37 5.16 -17.33 -10.03
C GLY A 37 5.08 -16.24 -8.97
N LEU A 38 5.24 -15.00 -9.42
CA LEU A 38 5.09 -13.86 -8.52
C LEU A 38 3.67 -13.31 -8.63
N GLY A 39 3.06 -13.50 -9.79
CA GLY A 39 1.72 -13.03 -10.06
C GLY A 39 1.66 -11.63 -10.63
N GLN A 40 2.77 -11.14 -11.19
CA GLN A 40 2.94 -9.71 -11.54
C GLN A 40 2.91 -9.38 -13.05
N ASP A 41 2.30 -8.26 -13.42
CA ASP A 41 2.19 -7.90 -14.85
C ASP A 41 3.17 -6.84 -15.29
N CYS A 42 3.27 -5.78 -14.50
CA CYS A 42 4.00 -4.58 -14.90
C CYS A 42 4.62 -3.84 -13.68
N LEU A 43 5.75 -3.14 -13.84
CA LEU A 43 6.51 -2.59 -12.70
C LEU A 43 6.90 -1.14 -12.92
N ALA A 44 6.39 -0.26 -12.06
CA ALA A 44 6.62 1.17 -12.23
C ALA A 44 7.80 1.63 -11.37
N PHE A 45 8.63 2.53 -11.92
CA PHE A 45 9.88 2.95 -11.24
C PHE A 45 10.11 4.44 -11.43
N CYS A 46 10.74 5.06 -10.43
CA CYS A 46 11.16 6.44 -10.51
C CYS A 46 12.39 6.56 -11.45
N THR A 47 12.33 7.42 -12.45
CA THR A 47 13.59 7.84 -13.05
C THR A 47 14.22 8.93 -12.19
N GLU A 48 15.21 9.61 -12.74
CA GLU A 48 16.00 10.57 -12.00
C GLU A 48 15.09 11.75 -11.72
N LEU A 49 14.05 11.88 -12.55
CA LEU A 49 13.18 13.06 -12.46
C LEU A 49 12.18 12.95 -11.31
N GLU A 50 12.02 11.76 -10.74
CA GLU A 50 11.00 11.50 -9.75
C GLU A 50 11.51 10.88 -8.47
N ASP A 51 10.75 11.11 -7.40
CA ASP A 51 11.02 10.57 -6.07
C ASP A 51 9.77 10.68 -5.15
N VAL A 52 9.90 10.20 -3.91
CA VAL A 52 8.79 10.19 -2.97
C VAL A 52 8.32 11.59 -2.62
N ILE A 53 9.10 12.61 -2.90
CA ILE A 53 8.64 13.97 -2.58
C ILE A 53 7.79 14.50 -3.73
N SER A 54 8.36 14.47 -4.92
CA SER A 54 7.66 14.82 -6.15
C SER A 54 6.38 14.00 -6.29
N MET A 55 6.45 12.67 -6.04
CA MET A 55 5.20 11.85 -6.08
C MET A 55 4.13 12.38 -5.11
N SER A 56 4.58 12.73 -3.90
CA SER A 56 3.72 13.15 -2.81
C SER A 56 3.06 14.42 -3.17
N PHE A 57 3.80 15.29 -3.90
CA PHE A 57 3.24 16.63 -4.32
C PHE A 57 2.17 16.39 -5.35
N ASN A 58 2.46 15.50 -6.28
CA ASN A 58 1.46 15.06 -7.22
C ASN A 58 0.17 14.59 -6.56
N ALA A 59 0.23 13.71 -5.54
CA ALA A 59 -1.02 13.18 -5.00
C ALA A 59 -1.78 14.28 -4.23
N VAL A 60 -1.10 14.97 -3.31
CA VAL A 60 -1.70 16.10 -2.59
C VAL A 60 -2.34 17.14 -3.52
N THR A 61 -1.58 17.61 -4.51
CA THR A 61 -2.09 18.70 -5.40
C THR A 61 -3.37 18.31 -6.12
N SER A 62 -3.41 17.01 -6.41
CA SER A 62 -4.39 16.38 -7.22
C SER A 62 -5.67 16.12 -6.42
N LEU A 63 -5.53 15.59 -5.21
CA LEU A 63 -6.61 15.52 -4.22
C LEU A 63 -7.23 16.91 -3.96
N LEU A 64 -6.39 17.88 -3.68
CA LEU A 64 -6.90 19.21 -3.30
C LEU A 64 -7.80 19.77 -4.43
N GLU A 65 -7.20 19.90 -5.60
CA GLU A 65 -7.84 20.44 -6.76
C GLU A 65 -9.12 19.73 -7.06
N LYS A 66 -9.02 18.46 -7.40
CA LYS A 66 -10.14 17.72 -7.96
C LYS A 66 -11.28 17.47 -7.02
N TYR A 67 -11.02 17.54 -5.73
CA TYR A 67 -12.07 17.38 -4.76
C TYR A 67 -12.50 18.72 -4.23
N LYS A 68 -11.97 19.80 -4.80
CA LYS A 68 -12.38 21.17 -4.47
C LYS A 68 -12.16 21.54 -3.02
N ILE A 69 -11.26 20.84 -2.36
CA ILE A 69 -10.88 21.15 -0.99
C ILE A 69 -9.88 22.27 -0.98
N ASP A 70 -10.08 23.28 -0.12
CA ASP A 70 -9.09 24.38 -0.06
C ASP A 70 -8.08 24.20 1.06
N PRO A 71 -6.82 24.63 0.82
CA PRO A 71 -5.63 24.17 1.61
C PRO A 71 -5.61 24.72 3.04
N LYS A 72 -6.41 25.76 3.30
CA LYS A 72 -6.48 26.27 4.67
C LYS A 72 -7.23 25.29 5.54
N GLN A 73 -7.90 24.30 4.93
CA GLN A 73 -8.83 23.44 5.64
C GLN A 73 -8.19 22.16 6.17
N ILE A 74 -6.91 21.98 5.84
CA ILE A 74 -6.06 20.94 6.40
C ILE A 74 -5.35 21.35 7.73
N GLY A 75 -5.66 20.63 8.81
CA GLY A 75 -5.26 20.99 10.17
C GLY A 75 -4.33 19.91 10.74
N ARG A 76 -4.32 18.71 10.15
CA ARG A 76 -3.28 17.68 10.42
C ARG A 76 -2.72 17.00 9.12
N LEU A 77 -1.41 16.88 8.98
CA LEU A 77 -0.89 16.31 7.76
C LEU A 77 0.28 15.41 8.10
N GLU A 78 0.18 14.12 7.77
CA GLU A 78 1.14 13.07 8.20
C GLU A 78 1.48 12.24 7.02
N VAL A 79 2.75 11.77 6.99
CA VAL A 79 3.32 11.07 5.88
C VAL A 79 3.80 9.71 6.38
N GLY A 80 3.44 8.63 5.69
CA GLY A 80 4.04 7.33 6.01
C GLY A 80 5.02 6.98 4.91
N SER A 81 6.15 6.41 5.27
CA SER A 81 7.17 6.07 4.25
C SER A 81 8.31 5.28 4.85
N GLU A 82 9.07 4.58 4.03
CA GLU A 82 10.31 3.96 4.53
C GLU A 82 11.51 4.31 3.64
N THR A 83 11.29 5.21 2.72
CA THR A 83 12.28 5.69 1.77
C THR A 83 12.90 6.96 2.36
N VAL A 84 14.07 6.87 3.01
CA VAL A 84 14.58 8.08 3.68
C VAL A 84 15.56 8.79 2.78
N ILE A 85 15.32 10.09 2.52
CA ILE A 85 16.32 10.86 1.72
C ILE A 85 17.13 11.71 2.67
N ASP A 86 16.52 12.04 3.81
CA ASP A 86 17.19 12.82 4.86
C ASP A 86 16.93 12.10 6.17
N LYS A 87 17.91 12.04 7.07
CA LYS A 87 17.71 11.26 8.33
C LYS A 87 17.00 12.02 9.46
N SER A 88 16.77 13.32 9.22
CA SER A 88 16.16 14.20 10.26
C SER A 88 15.08 15.15 9.75
N LYS A 89 15.21 15.56 8.48
CA LYS A 89 14.26 16.44 7.84
C LYS A 89 13.20 15.57 7.19
N SER A 90 11.99 15.62 7.72
CA SER A 90 10.94 14.73 7.31
C SER A 90 10.33 15.14 5.96
N ILE A 91 9.74 14.18 5.23
CA ILE A 91 9.02 14.49 3.99
C ILE A 91 7.88 15.45 4.25
N LYS A 92 7.27 15.36 5.43
CA LYS A 92 6.22 16.32 5.84
C LYS A 92 6.64 17.78 5.72
N THR A 93 7.89 18.10 6.04
CA THR A 93 8.30 19.50 5.93
C THR A 93 8.39 19.97 4.46
N PHE A 94 8.78 19.05 3.60
CA PHE A 94 8.83 19.36 2.18
C PHE A 94 7.44 19.67 1.66
N LEU A 95 6.42 18.95 2.15
CA LEU A 95 5.04 19.12 1.67
C LEU A 95 4.51 20.48 2.06
N MET A 96 5.11 21.08 3.09
CA MET A 96 4.71 22.37 3.59
C MET A 96 4.96 23.43 2.53
N GLN A 97 5.84 23.14 1.58
CA GLN A 97 5.98 24.05 0.45
C GLN A 97 4.61 24.39 -0.11
N LEU A 98 3.78 23.38 -0.34
CA LEU A 98 2.38 23.58 -0.81
C LEU A 98 1.45 24.41 0.09
N PHE A 99 1.75 24.57 1.37
CA PHE A 99 0.80 25.31 2.21
C PHE A 99 1.24 26.72 2.54
N GLU A 100 2.43 27.07 2.09
CA GLU A 100 3.02 28.34 2.47
C GLU A 100 2.46 29.43 1.61
N LYS A 101 1.79 29.06 0.53
CA LYS A 101 1.23 30.00 -0.40
C LYS A 101 -0.05 30.66 0.11
N CYS A 102 -0.82 29.96 0.94
CA CYS A 102 -2.07 30.45 1.58
C CYS A 102 -1.90 30.73 3.09
N GLY A 103 -0.67 30.61 3.55
CA GLY A 103 -0.29 30.98 4.90
C GLY A 103 -0.83 30.11 6.01
N ASN A 104 -1.13 28.85 5.71
CA ASN A 104 -1.55 27.89 6.72
C ASN A 104 -0.37 27.04 7.26
N THR A 105 0.18 27.46 8.40
CA THR A 105 1.36 26.76 8.91
C THR A 105 1.02 26.09 10.26
N ASP A 106 -0.17 26.35 10.81
CA ASP A 106 -0.61 25.62 11.98
C ASP A 106 -1.19 24.26 11.58
N VAL A 107 -0.29 23.32 11.30
CA VAL A 107 -0.67 22.01 10.76
C VAL A 107 0.08 20.86 11.45
N GLU A 108 -0.56 20.12 12.34
CA GLU A 108 0.14 19.05 13.08
C GLU A 108 0.65 17.86 12.20
N GLY A 109 1.59 17.06 12.73
CA GLY A 109 1.95 15.74 12.20
C GLY A 109 3.36 15.70 11.63
N VAL A 110 4.07 14.55 11.72
CA VAL A 110 5.39 14.36 11.11
C VAL A 110 5.39 13.07 10.30
N ASP A 111 6.54 12.41 10.05
CA ASP A 111 6.56 11.15 9.31
C ASP A 111 6.44 9.97 10.31
N SER A 112 5.78 8.89 9.91
CA SER A 112 5.72 7.69 10.68
C SER A 112 6.58 6.62 10.03
N THR A 113 7.51 6.02 10.78
CA THR A 113 8.29 4.90 10.23
C THR A 113 8.13 3.52 10.87
N ASN A 114 7.82 2.63 9.97
CA ASN A 114 8.16 1.20 10.08
C ASN A 114 7.85 0.45 8.80
N ALA A 115 8.90 0.21 8.00
CA ALA A 115 8.79 -0.66 6.82
C ALA A 115 7.49 -0.35 6.12
N TYR A 117 4.33 -0.12 6.48
CA TYR A 117 3.33 -0.05 7.57
C TYR A 117 3.21 1.39 8.07
N GLY A 118 4.18 2.31 7.95
CA GLY A 118 4.08 3.73 8.29
C GLY A 118 2.85 4.51 7.83
N GLY A 119 2.24 4.13 6.71
CA GLY A 119 1.09 4.85 6.20
C GLY A 119 -0.15 4.57 7.06
N THR A 120 -0.32 3.29 7.35
CA THR A 120 -1.34 2.82 8.25
C THR A 120 -1.23 3.53 9.58
N ALA A 121 0.01 3.59 10.12
CA ALA A 121 0.22 4.24 11.42
C ALA A 121 -0.25 5.70 11.34
N ALA A 122 0.00 6.35 10.20
CA ALA A 122 -0.38 7.72 10.05
C ALA A 122 -1.89 7.88 10.00
N LEU A 123 -2.53 7.03 9.21
CA LEU A 123 -3.93 7.13 9.02
C LEU A 123 -4.66 6.84 10.31
N LEU A 124 -4.23 5.85 11.09
CA LEU A 124 -4.75 5.74 12.48
C LEU A 124 -4.55 7.05 13.28
N ASN A 125 -3.34 7.62 13.26
CA ASN A 125 -3.04 8.80 14.06
C ASN A 125 -3.98 9.92 13.71
N CYS A 126 -4.22 10.12 12.41
CA CYS A 126 -5.30 11.00 11.93
C CYS A 126 -6.79 10.70 12.32
N VAL A 127 -7.21 9.43 12.23
CA VAL A 127 -8.52 9.11 12.69
C VAL A 127 -8.58 9.58 14.18
N ASN A 128 -7.64 9.10 15.01
CA ASN A 128 -7.61 9.49 16.43
C ASN A 128 -7.62 11.00 16.70
N TRP A 129 -6.95 11.74 15.85
CA TRP A 129 -6.94 13.18 15.97
C TRP A 129 -8.33 13.81 15.75
N VAL A 130 -9.12 13.30 14.79
CA VAL A 130 -10.45 13.93 14.50
C VAL A 130 -11.31 13.63 15.69
N GLU A 131 -11.13 12.45 16.27
CA GLU A 131 -11.90 12.10 17.42
C GLU A 131 -11.41 12.71 18.75
N SER A 132 -10.39 13.57 18.73
CA SER A 132 -9.77 13.95 20.01
C SER A 132 -10.21 15.32 20.50
N ASN A 133 -10.03 15.57 21.79
CA ASN A 133 -10.48 16.83 22.43
C ASN A 133 -9.68 17.95 21.85
N SER A 134 -8.60 17.62 21.17
CA SER A 134 -7.83 18.70 20.58
C SER A 134 -8.18 19.00 19.13
N TRP A 135 -9.14 18.30 18.51
CA TRP A 135 -9.52 18.57 17.15
C TRP A 135 -10.06 19.98 16.97
N ASP A 136 -9.53 20.69 15.96
CA ASP A 136 -9.87 22.11 15.68
C ASP A 136 -10.97 22.22 14.60
N GLY A 137 -11.60 21.10 14.25
CA GLY A 137 -12.65 21.06 13.27
C GLY A 137 -12.19 20.86 11.84
N ARG A 138 -10.88 20.81 11.54
CA ARG A 138 -10.45 20.80 10.14
C ARG A 138 -10.16 19.38 9.63
N TYR A 139 -9.95 19.22 8.32
CA TYR A 139 -9.58 17.90 7.77
C TYR A 139 -8.20 17.46 8.15
N GLY A 140 -8.01 16.15 8.33
CA GLY A 140 -6.66 15.56 8.30
C GLY A 140 -6.35 15.07 6.87
N LEU A 141 -5.06 14.95 6.57
CA LEU A 141 -4.63 14.47 5.30
C LEU A 141 -3.44 13.54 5.57
N VAL A 142 -3.54 12.30 5.05
CA VAL A 142 -2.47 11.29 5.18
C VAL A 142 -1.81 11.00 3.83
N ILE A 143 -0.47 11.01 3.75
CA ILE A 143 0.19 10.52 2.54
C ILE A 143 0.96 9.20 2.72
N CYS A 144 0.72 8.25 1.82
CA CYS A 144 1.57 7.04 1.75
C CYS A 144 2.53 7.21 0.55
N THR A 145 3.83 7.38 0.81
CA THR A 145 4.71 7.47 -0.36
C THR A 145 5.95 6.56 -0.22
N ASP A 146 6.36 5.93 -1.32
CA ASP A 146 7.52 5.01 -1.29
C ASP A 146 8.02 4.66 -2.68
N SER A 147 9.27 4.21 -2.70
CA SER A 147 9.85 3.76 -3.89
C SER A 147 10.63 2.49 -3.67
N ALA A 148 10.01 1.37 -4.00
CA ALA A 148 10.60 0.06 -3.80
C ALA A 148 11.67 -0.34 -4.85
N VAL A 149 12.89 -0.54 -4.38
CA VAL A 149 14.01 -1.03 -5.19
C VAL A 149 14.91 -2.12 -4.56
N TYR A 150 15.30 -3.09 -5.36
CA TYR A 150 16.22 -4.08 -4.88
C TYR A 150 17.43 -4.11 -5.78
N ALA A 151 18.52 -4.69 -5.23
CA ALA A 151 19.76 -5.01 -5.95
C ALA A 151 19.48 -6.08 -7.03
N GLU A 152 20.13 -5.97 -8.18
CA GLU A 152 20.32 -7.04 -9.15
C GLU A 152 19.60 -8.36 -8.89
N GLY A 153 19.85 -9.01 -7.76
CA GLY A 153 19.38 -10.40 -7.59
C GLY A 153 17.91 -10.68 -7.83
N PRO A 154 17.39 -11.79 -7.26
CA PRO A 154 16.00 -12.28 -7.36
C PRO A 154 14.89 -11.35 -6.87
N ALA A 155 15.22 -10.23 -6.19
CA ALA A 155 14.15 -9.41 -5.59
C ALA A 155 13.81 -8.16 -6.41
N ARG A 156 14.75 -7.73 -7.25
CA ARG A 156 14.48 -6.71 -8.27
C ARG A 156 13.05 -6.80 -8.86
N PRO A 157 12.65 -7.94 -9.47
CA PRO A 157 11.28 -7.95 -10.08
C PRO A 157 10.08 -7.50 -9.20
N THR A 158 10.25 -7.47 -7.90
CA THR A 158 9.18 -7.03 -7.03
C THR A 158 9.16 -5.53 -6.68
N GLY A 159 9.92 -4.68 -7.36
CA GLY A 159 9.87 -3.24 -7.10
C GLY A 159 8.57 -2.52 -7.53
N GLY A 160 8.43 -1.26 -7.14
CA GLY A 160 7.25 -0.46 -7.50
C GLY A 160 7.43 0.95 -6.99
N ALA A 161 6.54 1.85 -7.31
CA ALA A 161 6.58 3.16 -6.69
C ALA A 161 5.23 3.83 -6.80
N ALA A 162 4.85 4.63 -5.79
CA ALA A 162 3.60 5.34 -5.82
C ALA A 162 3.47 6.25 -4.63
N ALA A 163 2.77 7.37 -4.81
CA ALA A 163 2.20 8.11 -3.67
C ALA A 163 0.66 8.03 -3.64
N ILE A 164 0.08 7.96 -2.43
CA ILE A 164 -1.36 7.99 -2.19
C ILE A 164 -1.72 8.99 -1.07
N ALA A 165 -2.71 9.82 -1.36
CA ALA A 165 -3.26 10.78 -0.44
C ALA A 165 -4.70 10.40 -0.02
N MET A 166 -4.95 10.43 1.30
CA MET A 166 -6.29 10.25 1.92
C MET A 166 -6.74 11.43 2.80
N LEU A 167 -7.95 11.96 2.55
CA LEU A 167 -8.55 13.09 3.33
C LEU A 167 -9.42 12.50 4.42
N ILE A 168 -9.23 12.95 5.67
CA ILE A 168 -9.80 12.27 6.82
C ILE A 168 -10.69 13.23 7.55
N GLY A 169 -11.84 12.74 8.01
CA GLY A 169 -12.92 13.59 8.53
C GLY A 169 -14.21 12.88 8.97
N PRO A 170 -15.17 13.63 9.56
CA PRO A 170 -16.35 12.91 10.00
C PRO A 170 -17.33 12.79 8.82
N ASP A 171 -18.29 11.85 8.98
CA ASP A 171 -19.40 11.63 8.04
C ASP A 171 -18.87 11.16 6.67
N ALA A 172 -18.03 10.14 6.74
CA ALA A 172 -17.24 9.65 5.65
C ALA A 172 -17.98 8.54 4.86
N PRO A 173 -17.62 8.38 3.58
CA PRO A 173 -18.20 7.22 2.93
C PRO A 173 -17.52 5.94 3.39
N ILE A 174 -16.33 6.05 3.98
CA ILE A 174 -15.51 4.87 4.31
C ILE A 174 -15.19 5.00 5.80
N VAL A 175 -16.05 4.34 6.61
CA VAL A 175 -16.10 4.53 8.06
C VAL A 175 -15.31 3.47 8.87
N PHE A 176 -14.43 3.89 9.78
CA PHE A 176 -13.72 2.91 10.60
C PHE A 176 -14.65 2.25 11.61
N GLU A 177 -14.60 0.92 11.69
CA GLU A 177 -15.27 0.18 12.77
C GLU A 177 -14.36 0.17 13.98
N SER A 178 -14.51 1.20 14.80
CA SER A 178 -13.54 1.57 15.83
C SER A 178 -12.95 0.43 16.62
N LYS A 179 -13.78 -0.50 17.07
CA LYS A 179 -13.28 -1.54 17.97
C LYS A 179 -12.87 -2.80 17.19
N LEU A 180 -13.21 -2.91 15.92
CA LEU A 180 -12.98 -4.15 15.16
C LEU A 180 -11.56 -4.19 14.54
N ARG A 181 -10.58 -4.75 15.27
CA ARG A 181 -9.19 -4.71 14.81
C ARG A 181 -8.33 -5.41 15.80
N GLY A 182 -7.17 -5.85 15.30
CA GLY A 182 -6.14 -6.57 16.05
C GLY A 182 -4.76 -6.14 15.49
N SER A 183 -3.78 -5.90 16.37
CA SER A 183 -2.40 -5.72 15.94
C SER A 183 -1.49 -6.84 16.43
N HIS A 184 -0.38 -7.06 15.73
CA HIS A 184 0.67 -7.90 16.27
C HIS A 184 1.93 -7.15 16.05
N MET A 185 2.77 -7.03 17.08
CA MET A 185 4.09 -6.40 16.92
C MET A 185 5.19 -7.21 17.55
N ALA A 186 6.37 -7.27 16.91
CA ALA A 186 7.44 -8.20 17.35
C ALA A 186 8.78 -7.72 16.96
N HIS A 187 9.83 -8.35 17.48
CA HIS A 187 11.21 -8.02 17.11
C HIS A 187 11.75 -9.11 16.23
N VAL A 188 11.82 -8.89 14.92
CA VAL A 188 12.37 -9.90 13.98
C VAL A 188 13.31 -9.26 12.95
N TYR A 189 14.06 -10.10 12.23
CA TYR A 189 14.95 -9.58 11.25
C TYR A 189 14.66 -10.20 9.87
N ASP A 190 13.40 -10.15 9.47
CA ASP A 190 12.96 -10.69 8.16
C ASP A 190 13.29 -9.80 6.97
N PHE A 191 13.16 -8.47 7.12
CA PHE A 191 13.47 -7.42 6.10
C PHE A 191 13.80 -6.07 6.79
N TYR A 192 14.95 -5.51 6.45
CA TYR A 192 15.42 -4.28 7.09
C TYR A 192 16.43 -3.52 6.21
N LYS A 193 16.81 -2.31 6.65
CA LYS A 193 17.74 -1.42 5.91
C LYS A 193 18.85 -0.88 6.79
N PRO A 194 19.85 -1.74 7.08
CA PRO A 194 20.98 -1.45 7.92
C PRO A 194 22.12 -0.77 7.18
N ASN A 195 22.10 -0.85 5.82
CA ASN A 195 23.05 -0.15 4.91
C ASN A 195 22.68 1.29 4.68
N LEU A 196 23.35 2.14 5.46
CA LEU A 196 22.91 3.51 5.54
C LEU A 196 22.91 4.15 4.13
N ALA A 197 23.94 3.78 3.36
CA ALA A 197 24.28 4.41 2.12
C ALA A 197 23.56 3.82 0.91
N SER A 198 23.02 2.58 1.06
CA SER A 198 22.25 1.85 0.02
C SER A 198 20.74 2.14 -0.07
N GLU A 199 20.15 2.09 -1.28
CA GLU A 199 18.69 2.21 -1.36
C GLU A 199 17.99 0.89 -1.02
N TYR A 200 18.77 -0.19 -0.90
CA TYR A 200 18.29 -1.57 -0.98
C TYR A 200 18.26 -2.20 0.35
N PRO A 201 17.20 -2.99 0.62
CA PRO A 201 17.03 -3.71 1.88
C PRO A 201 17.88 -4.97 1.98
N VAL A 202 18.21 -5.41 3.19
CA VAL A 202 18.64 -6.80 3.45
C VAL A 202 17.35 -7.63 3.64
N VAL A 203 17.19 -8.71 2.86
CA VAL A 203 15.93 -9.52 2.86
C VAL A 203 16.18 -11.01 2.98
N ASP A 204 15.80 -11.59 4.11
CA ASP A 204 15.56 -13.05 4.30
C ASP A 204 14.15 -13.43 3.74
N GLY A 205 14.03 -14.64 3.16
CA GLY A 205 12.75 -15.16 2.57
C GLY A 205 12.17 -16.31 3.40
N LYS A 206 13.05 -16.97 4.17
CA LYS A 206 12.69 -18.10 5.07
C LYS A 206 12.10 -17.60 6.38
N LEU A 207 12.04 -16.26 6.47
CA LEU A 207 11.30 -15.49 7.47
C LEU A 207 10.34 -14.50 6.76
N SER A 208 10.80 -13.85 5.70
CA SER A 208 9.96 -12.88 4.98
C SER A 208 8.46 -13.27 5.05
N GLN A 209 8.09 -14.31 4.30
CA GLN A 209 6.74 -14.84 4.31
C GLN A 209 6.33 -15.54 5.66
N THR A 210 7.25 -16.20 6.37
CA THR A 210 6.88 -16.74 7.71
C THR A 210 6.23 -15.65 8.62
N CYS A 211 6.97 -14.54 8.80
CA CYS A 211 6.60 -13.42 9.64
C CYS A 211 5.35 -12.71 9.14
N TYR A 212 5.14 -12.65 7.83
CA TYR A 212 3.92 -12.06 7.32
C TYR A 212 2.79 -12.88 7.88
N LEU A 213 3.00 -14.20 7.92
CA LEU A 213 1.95 -15.18 8.26
C LEU A 213 1.77 -15.33 9.78
N MET A 214 2.85 -15.60 10.51
CA MET A 214 2.85 -15.36 11.96
C MET A 214 1.99 -14.12 12.35
N ALA A 215 2.25 -12.96 11.74
CA ALA A 215 1.55 -11.73 12.10
C ALA A 215 0.09 -11.75 11.66
N LEU A 216 -0.16 -12.25 10.46
CA LEU A 216 -1.51 -12.34 9.95
C LEU A 216 -2.37 -13.26 10.86
N ASP A 217 -1.83 -14.44 11.20
CA ASP A 217 -2.57 -15.38 12.08
C ASP A 217 -3.03 -14.62 13.32
N SER A 218 -2.09 -13.89 13.96
CA SER A 218 -2.26 -13.21 15.25
C SER A 218 -3.17 -11.98 15.23
N CYS A 219 -3.01 -11.12 14.23
CA CYS A 219 -3.97 -10.06 14.01
C CYS A 219 -5.35 -10.64 13.72
N TYR A 220 -5.41 -11.79 13.03
CA TYR A 220 -6.73 -12.39 12.70
C TYR A 220 -7.44 -12.90 13.94
N LYS A 221 -6.75 -13.62 14.82
CA LYS A 221 -7.32 -14.13 16.06
C LYS A 221 -7.84 -12.98 16.91
N HIS A 222 -7.14 -11.83 16.88
CA HIS A 222 -7.48 -10.70 17.76
C HIS A 222 -8.65 -9.98 17.19
N LEU A 223 -8.85 -10.02 15.89
CA LEU A 223 -10.03 -9.36 15.34
C LEU A 223 -11.21 -10.26 15.59
N CYS A 224 -10.99 -11.56 15.43
CA CYS A 224 -12.01 -12.57 15.75
C CYS A 224 -12.59 -12.36 17.14
N ASN A 225 -11.74 -12.35 18.17
CA ASN A 225 -12.20 -12.13 19.52
C ASN A 225 -13.00 -10.85 19.68
N LYS A 226 -12.53 -9.76 19.11
CA LYS A 226 -13.28 -8.49 19.25
C LYS A 226 -14.67 -8.62 18.61
N PHE A 227 -14.76 -9.31 17.47
CA PHE A 227 -16.05 -9.59 16.81
C PHE A 227 -17.01 -10.44 17.67
N GLU A 228 -16.50 -11.49 18.31
CA GLU A 228 -17.35 -12.32 19.18
C GLU A 228 -17.93 -11.50 20.31
N LYS A 229 -17.13 -10.63 20.93
CA LYS A 229 -17.67 -9.64 21.88
C LYS A 229 -18.76 -8.79 21.22
N LEU A 230 -18.40 -8.03 20.20
CA LEU A 230 -19.35 -7.10 19.55
C LEU A 230 -20.65 -7.69 18.95
N GLU A 231 -20.53 -8.79 18.20
CA GLU A 231 -21.66 -9.24 17.39
C GLU A 231 -22.28 -10.61 17.83
N GLY A 232 -21.58 -11.26 18.76
CA GLY A 232 -22.12 -12.42 19.46
C GLY A 232 -21.94 -13.76 18.78
N LYS A 233 -21.05 -13.79 17.77
CA LYS A 233 -20.76 -14.98 16.99
C LYS A 233 -19.29 -15.05 16.64
N GLU A 234 -18.81 -16.27 16.33
CA GLU A 234 -17.47 -16.47 15.69
C GLU A 234 -17.32 -15.84 14.27
N PHE A 235 -16.29 -15.00 14.09
CA PHE A 235 -15.92 -14.47 12.75
C PHE A 235 -15.33 -15.53 11.80
N SER A 236 -15.82 -15.53 10.57
CA SER A 236 -15.26 -16.35 9.52
C SER A 236 -15.24 -15.48 8.29
N ILE A 237 -14.76 -16.08 7.22
CA ILE A 237 -14.41 -15.41 5.98
C ILE A 237 -15.70 -14.88 5.32
N ASN A 238 -16.83 -15.41 5.79
CA ASN A 238 -18.15 -14.95 5.31
C ASN A 238 -18.64 -13.64 5.89
N ASP A 239 -17.95 -13.12 6.90
CA ASP A 239 -18.49 -12.02 7.66
C ASP A 239 -18.05 -10.67 7.15
N ALA A 240 -17.44 -10.68 5.95
CA ALA A 240 -16.96 -9.51 5.29
C ALA A 240 -17.10 -9.73 3.80
N ASP A 241 -17.41 -8.66 3.10
CA ASP A 241 -17.59 -8.83 1.67
C ASP A 241 -16.24 -8.86 0.97
N TYR A 242 -15.18 -8.35 1.62
CA TYR A 242 -13.85 -8.15 1.00
C TYR A 242 -12.71 -8.15 1.99
N PHE A 243 -11.63 -8.80 1.58
CA PHE A 243 -10.36 -8.72 2.30
C PHE A 243 -9.33 -8.08 1.37
N VAL A 244 -8.71 -7.02 1.87
CA VAL A 244 -7.73 -6.23 1.13
C VAL A 244 -6.44 -6.36 1.93
N PHE A 245 -5.34 -6.73 1.27
CA PHE A 245 -4.07 -7.02 1.97
C PHE A 245 -2.95 -6.12 1.52
N HIS A 246 -1.92 -5.93 2.34
CA HIS A 246 -0.65 -5.39 1.82
C HIS A 246 -0.19 -6.25 0.62
N SER A 247 0.24 -5.61 -0.47
CA SER A 247 0.42 -6.36 -1.74
C SER A 247 1.86 -6.22 -2.28
N PRO A 248 2.84 -6.77 -1.54
CA PRO A 248 4.22 -6.70 -2.03
C PRO A 248 4.34 -7.36 -3.45
N TYR A 249 3.73 -8.54 -3.60
CA TYR A 249 3.55 -9.17 -4.91
C TYR A 249 2.32 -10.08 -4.80
N ASN A 250 1.61 -10.30 -5.91
CA ASN A 250 0.33 -10.97 -5.89
C ASN A 250 0.30 -12.41 -5.34
N LYS A 251 1.39 -13.15 -5.52
CA LYS A 251 1.44 -14.53 -5.03
C LYS A 251 1.13 -14.59 -3.54
N LEU A 252 1.69 -13.62 -2.81
CA LEU A 252 1.54 -13.52 -1.38
C LEU A 252 0.15 -13.12 -0.98
N VAL A 253 -0.48 -12.23 -1.76
CA VAL A 253 -1.92 -11.97 -1.59
C VAL A 253 -2.74 -13.28 -1.65
N GLN A 254 -2.44 -14.16 -2.59
CA GLN A 254 -3.13 -15.44 -2.68
C GLN A 254 -2.91 -16.30 -1.46
N LYS A 255 -1.65 -16.45 -1.08
CA LYS A 255 -1.33 -17.25 0.09
C LYS A 255 -2.02 -16.69 1.31
N SER A 256 -1.99 -15.36 1.48
CA SER A 256 -2.51 -14.74 2.71
C SER A 256 -3.98 -15.01 2.93
N PHE A 257 -4.75 -15.00 1.84
CA PHE A 257 -6.19 -15.13 1.95
C PHE A 257 -6.53 -16.60 2.20
N ALA A 258 -5.85 -17.47 1.46
CA ALA A 258 -5.84 -18.91 1.75
C ALA A 258 -5.65 -19.16 3.27
N ARG A 259 -4.77 -18.36 3.89
CA ARG A 259 -4.34 -18.61 5.27
C ARG A 259 -5.50 -18.28 6.20
N LEU A 260 -6.28 -17.27 5.82
CA LEU A 260 -7.44 -16.91 6.60
C LEU A 260 -8.34 -18.14 6.63
N LEU A 261 -8.57 -18.71 5.45
CA LEU A 261 -9.42 -19.88 5.32
C LEU A 261 -8.95 -21.05 6.24
N TYR A 262 -7.66 -21.46 6.13
CA TYR A 262 -6.96 -22.36 7.08
C TYR A 262 -7.12 -21.99 8.57
N ASN A 263 -7.14 -20.69 8.89
CA ASN A 263 -7.40 -20.28 10.28
C ASN A 263 -8.86 -20.54 10.66
N ASP A 264 -9.77 -20.39 9.69
CA ASP A 264 -11.18 -20.64 9.93
C ASP A 264 -11.40 -22.10 10.28
N PHE A 265 -10.56 -22.96 9.68
CA PHE A 265 -10.50 -24.40 10.05
C PHE A 265 -10.15 -24.52 11.54
N LEU A 266 -8.86 -24.37 11.87
CA LEU A 266 -8.40 -24.32 13.25
C LEU A 266 -9.45 -23.98 14.35
N ARG A 267 -10.42 -23.13 14.01
CA ARG A 267 -11.44 -22.65 14.95
C ARG A 267 -12.86 -23.22 14.72
N ASN A 268 -12.97 -24.14 13.76
CA ASN A 268 -14.24 -24.80 13.38
C ASN A 268 -15.39 -23.90 12.89
N ALA A 269 -15.06 -22.68 12.45
CA ALA A 269 -16.06 -21.68 12.08
C ALA A 269 -16.91 -22.10 10.87
N SER A 270 -17.86 -21.22 10.54
CA SER A 270 -19.02 -21.53 9.71
C SER A 270 -18.80 -21.14 8.27
N SER A 271 -17.74 -21.69 7.69
CA SER A 271 -17.25 -21.33 6.35
C SER A 271 -16.32 -22.46 5.91
N ILE A 272 -16.11 -23.39 6.84
CA ILE A 272 -15.48 -24.69 6.63
C ILE A 272 -16.56 -25.81 6.53
N ASP A 273 -16.91 -26.17 5.30
CA ASP A 273 -17.90 -27.23 5.03
C ASP A 273 -17.32 -28.62 5.37
N GLU A 274 -18.17 -29.63 5.17
CA GLU A 274 -17.85 -31.04 5.50
C GLU A 274 -16.55 -31.53 4.81
N ALA A 275 -16.41 -31.14 3.53
CA ALA A 275 -15.37 -31.61 2.61
C ALA A 275 -14.02 -30.89 2.79
N ALA A 276 -14.07 -29.63 3.22
CA ALA A 276 -12.86 -28.90 3.57
C ALA A 276 -12.26 -29.55 4.83
N LYS A 277 -13.10 -29.72 5.86
CA LYS A 277 -12.72 -30.45 7.07
C LYS A 277 -12.00 -31.73 6.69
N GLU A 278 -12.50 -32.41 5.67
CA GLU A 278 -11.87 -33.63 5.19
C GLU A 278 -10.46 -33.30 4.65
N LYS A 279 -10.39 -32.45 3.61
CA LYS A 279 -9.11 -32.07 2.97
C LYS A 279 -8.07 -31.50 3.97
N PHE A 280 -8.51 -30.74 4.97
CA PHE A 280 -7.60 -30.14 5.93
C PHE A 280 -7.06 -31.09 6.99
N THR A 281 -7.84 -32.09 7.41
CA THR A 281 -7.45 -32.82 8.64
C THR A 281 -6.17 -33.67 8.55
N PRO A 282 -5.78 -34.07 7.33
CA PRO A 282 -4.40 -34.53 7.23
C PRO A 282 -3.35 -33.70 7.96
N TYR A 283 -3.61 -32.41 8.24
CA TYR A 283 -2.53 -31.48 8.64
C TYR A 283 -2.59 -30.96 10.06
N SER A 284 -3.61 -31.39 10.79
CA SER A 284 -3.87 -30.89 12.12
C SER A 284 -2.80 -31.34 13.10
N SER A 285 -1.96 -32.30 12.70
CA SER A 285 -0.86 -32.70 13.57
C SER A 285 0.44 -31.88 13.45
N LEU A 286 0.41 -30.83 12.64
CA LEU A 286 1.56 -29.96 12.49
C LEU A 286 1.79 -29.01 13.68
N SER A 287 3.05 -28.88 14.10
CA SER A 287 3.43 -27.80 15.03
C SER A 287 3.09 -26.46 14.41
N LEU A 288 3.08 -25.40 15.21
CA LEU A 288 2.70 -24.11 14.63
C LEU A 288 3.71 -23.71 13.56
N ASP A 289 4.98 -23.77 13.96
CA ASP A 289 6.13 -23.53 13.09
C ASP A 289 6.12 -24.43 11.87
N GLU A 290 5.74 -25.69 12.08
CA GLU A 290 5.50 -26.60 10.98
C GLU A 290 4.44 -26.09 9.99
N SER A 291 3.41 -25.37 10.46
CA SER A 291 2.30 -24.98 9.58
C SER A 291 2.66 -23.82 8.65
N TYR A 292 3.62 -23.00 9.07
CA TYR A 292 4.15 -21.90 8.28
C TYR A 292 5.02 -22.45 7.20
N GLN A 293 5.59 -23.61 7.49
CA GLN A 293 6.64 -24.21 6.70
C GLN A 293 6.19 -25.21 5.63
N SER A 294 4.89 -25.52 5.54
CA SER A 294 4.47 -26.66 4.71
C SER A 294 3.93 -26.32 3.32
N ARG A 295 4.71 -26.64 2.28
CA ARG A 295 4.30 -26.34 0.88
C ARG A 295 3.05 -27.11 0.44
N ASP A 296 2.80 -28.25 1.06
CA ASP A 296 1.57 -29.01 0.87
C ASP A 296 0.34 -28.32 1.44
N LEU A 297 0.49 -27.71 2.61
CA LEU A 297 -0.60 -27.03 3.31
C LEU A 297 -1.11 -25.77 2.55
N GLU A 298 -0.17 -24.94 2.10
CA GLU A 298 -0.39 -23.92 1.09
C GLU A 298 -1.20 -24.38 -0.09
N LYS A 299 -0.71 -25.42 -0.80
CA LYS A 299 -1.39 -25.90 -2.00
C LYS A 299 -2.82 -26.21 -1.59
N VAL A 300 -2.98 -27.03 -0.57
CA VAL A 300 -4.31 -27.41 -0.19
C VAL A 300 -5.09 -26.12 0.08
N SER A 301 -4.55 -25.22 0.90
CA SER A 301 -5.32 -24.02 1.31
C SER A 301 -5.71 -23.17 0.12
N GLN A 302 -4.79 -22.91 -0.82
CA GLN A 302 -5.07 -21.99 -1.95
C GLN A 302 -6.17 -22.54 -2.78
N GLN A 303 -6.24 -23.87 -2.81
CA GLN A 303 -7.07 -24.59 -3.72
C GLN A 303 -8.45 -24.56 -3.21
N LEU A 304 -8.59 -24.79 -1.91
CA LEU A 304 -9.86 -24.58 -1.25
C LEU A 304 -10.41 -23.12 -1.35
N ALA A 305 -9.52 -22.13 -1.44
CA ALA A 305 -9.93 -20.72 -1.34
C ALA A 305 -10.33 -20.03 -2.69
N LYS A 306 -10.14 -20.71 -3.83
CA LYS A 306 -10.18 -20.08 -5.17
C LYS A 306 -11.47 -19.34 -5.59
N THR A 307 -12.62 -19.79 -5.12
CA THR A 307 -13.84 -19.15 -5.57
C THR A 307 -14.18 -18.00 -4.63
N TYR A 308 -13.95 -18.23 -3.34
CA TYR A 308 -13.96 -17.18 -2.33
C TYR A 308 -12.99 -16.06 -2.70
N TYR A 309 -11.75 -16.42 -3.04
CA TYR A 309 -10.79 -15.44 -3.54
C TYR A 309 -11.29 -14.66 -4.79
N ASP A 310 -12.17 -15.22 -5.64
CA ASP A 310 -12.61 -14.47 -6.82
C ASP A 310 -13.63 -13.45 -6.46
N ALA A 311 -14.37 -13.71 -5.37
CA ALA A 311 -15.47 -12.82 -4.98
C ALA A 311 -14.96 -11.74 -4.03
N LYS A 312 -14.07 -12.16 -3.11
CA LYS A 312 -13.62 -11.32 -2.02
C LYS A 312 -12.27 -10.61 -2.20
N VAL A 313 -11.44 -11.03 -3.18
CA VAL A 313 -10.06 -10.54 -3.30
C VAL A 313 -9.60 -10.16 -4.75
N GLN A 314 -9.97 -10.96 -5.75
CA GLN A 314 -9.55 -10.60 -7.08
C GLN A 314 -9.78 -9.10 -7.42
N PRO A 315 -10.95 -8.49 -7.04
CA PRO A 315 -11.13 -7.09 -7.48
C PRO A 315 -10.22 -6.07 -6.77
N THR A 316 -9.31 -6.53 -5.90
CA THR A 316 -8.45 -5.61 -5.12
C THR A 316 -7.05 -5.61 -5.73
N THR A 317 -6.90 -6.33 -6.84
CA THR A 317 -5.59 -6.63 -7.34
C THR A 317 -5.14 -5.83 -8.55
N LEU A 318 -5.98 -4.97 -9.14
CA LEU A 318 -5.59 -4.30 -10.43
C LEU A 318 -4.27 -3.60 -10.33
N VAL A 319 -4.23 -2.65 -9.38
CA VAL A 319 -3.13 -1.73 -9.32
C VAL A 319 -1.84 -2.42 -8.89
N PRO A 320 -1.81 -3.03 -7.71
CA PRO A 320 -0.67 -3.87 -7.37
C PRO A 320 -0.13 -4.76 -8.52
N LYS A 321 -0.98 -5.46 -9.26
CA LYS A 321 -0.45 -6.29 -10.35
C LYS A 321 0.19 -5.46 -11.48
N GLN A 322 -0.20 -4.19 -11.59
CA GLN A 322 0.21 -3.37 -12.73
C GLN A 322 1.33 -2.36 -12.47
N VAL A 323 1.67 -2.15 -11.19
CA VAL A 323 2.61 -1.13 -10.73
C VAL A 323 3.72 -1.76 -9.87
N GLY A 324 3.36 -2.72 -9.00
CA GLY A 324 4.32 -3.56 -8.24
C GLY A 324 4.28 -3.18 -6.80
N ASN A 325 5.24 -3.67 -5.98
CA ASN A 325 5.33 -3.22 -4.56
C ASN A 325 5.35 -1.70 -4.37
N MET A 326 4.42 -1.26 -3.52
CA MET A 326 4.31 0.17 -3.21
C MET A 326 4.56 0.40 -1.76
N TYR A 327 5.11 -0.62 -1.06
CA TYR A 327 5.38 -0.50 0.39
C TYR A 327 4.19 0.19 1.08
N THR A 328 4.39 1.40 1.64
CA THR A 328 3.38 1.98 2.56
C THR A 328 2.07 2.21 1.86
N ALA A 329 2.17 2.37 0.55
CA ALA A 329 1.03 2.73 -0.23
C ALA A 329 0.37 1.47 -0.83
N SER A 330 1.01 0.33 -0.67
CA SER A 330 0.54 -0.84 -1.38
C SER A 330 -0.90 -1.22 -0.99
N LEU A 331 -1.16 -1.36 0.30
CA LEU A 331 -2.51 -1.68 0.83
C LEU A 331 -3.60 -0.73 0.35
N TYR A 332 -3.22 0.54 0.26
CA TYR A 332 -4.13 1.61 -0.02
C TYR A 332 -4.30 1.69 -1.53
N ALA A 333 -3.32 1.15 -2.30
CA ALA A 333 -3.53 0.94 -3.77
C ALA A 333 -4.50 -0.21 -4.09
N ALA A 334 -4.33 -1.34 -3.39
CA ALA A 334 -5.28 -2.45 -3.40
C ALA A 334 -6.70 -1.95 -3.05
N PHE A 335 -6.85 -1.18 -1.97
CA PHE A 335 -8.12 -0.54 -1.68
C PHE A 335 -8.64 0.37 -2.80
N ALA A 336 -7.77 1.12 -3.49
CA ALA A 336 -8.27 1.93 -4.58
C ALA A 336 -8.74 1.02 -5.74
N SER A 337 -7.98 -0.05 -5.94
CA SER A 337 -8.31 -1.08 -6.92
C SER A 337 -9.73 -1.61 -6.68
N LEU A 338 -10.13 -1.66 -5.41
CA LEU A 338 -11.43 -2.21 -5.05
C LEU A 338 -12.47 -1.14 -5.25
N VAL A 339 -12.13 0.12 -5.01
CA VAL A 339 -13.11 1.16 -5.27
C VAL A 339 -13.36 1.36 -6.76
N HIS A 340 -12.35 1.10 -7.56
CA HIS A 340 -12.44 1.33 -8.97
C HIS A 340 -13.38 0.27 -9.57
N ASN A 341 -13.17 -1.02 -9.21
CA ASN A 341 -13.90 -2.14 -9.81
C ASN A 341 -15.32 -2.27 -9.26
N LYS A 342 -15.49 -2.00 -7.99
CA LYS A 342 -16.74 -2.46 -7.38
C LYS A 342 -17.53 -1.38 -6.68
N HIS A 343 -17.34 -0.11 -7.05
CA HIS A 343 -17.90 0.98 -6.21
C HIS A 343 -19.42 1.00 -6.15
N SER A 344 -20.05 0.42 -7.16
CA SER A 344 -21.48 0.43 -7.28
C SER A 344 -22.10 -0.66 -6.44
N ASP A 345 -21.29 -1.62 -6.01
CA ASP A 345 -21.78 -2.66 -5.14
C ASP A 345 -21.37 -2.45 -3.64
N LEU A 346 -20.65 -1.36 -3.34
CA LEU A 346 -19.94 -1.26 -2.04
C LEU A 346 -20.77 -0.68 -0.93
N ALA A 347 -21.66 0.28 -1.27
CA ALA A 347 -22.61 0.85 -0.31
C ALA A 347 -23.12 -0.25 0.62
N GLY A 348 -22.92 -0.09 1.92
CA GLY A 348 -23.40 -1.04 2.90
C GLY A 348 -22.55 -2.27 3.07
N LYS A 349 -21.30 -2.28 2.59
CA LYS A 349 -20.45 -3.53 2.70
C LYS A 349 -19.38 -3.43 3.76
N ARG A 350 -18.81 -4.57 4.15
CA ARG A 350 -17.70 -4.59 5.08
C ARG A 350 -16.40 -5.00 4.36
N VAL A 351 -15.45 -4.06 4.31
CA VAL A 351 -14.12 -4.30 3.82
C VAL A 351 -13.06 -4.39 4.99
N VAL A 352 -12.30 -5.48 5.01
CA VAL A 352 -11.40 -5.74 6.11
C VAL A 352 -10.02 -5.48 5.55
N MET A 353 -9.18 -4.82 6.34
CA MET A 353 -7.93 -4.37 5.80
C MET A 353 -6.79 -5.03 6.55
N PHE A 354 -5.80 -5.56 5.84
CA PHE A 354 -4.63 -6.01 6.59
C PHE A 354 -3.34 -5.29 6.20
N SER A 355 -2.79 -4.52 7.14
CA SER A 355 -1.52 -3.86 6.93
C SER A 355 -0.27 -4.56 7.53
N TYR A 356 0.87 -4.57 6.85
CA TYR A 356 2.07 -5.27 7.42
C TYR A 356 3.35 -4.50 7.16
N GLY A 357 4.36 -4.70 7.99
CA GLY A 357 5.66 -4.01 7.83
C GLY A 357 6.70 -4.89 8.49
N SER A 358 7.78 -5.20 7.80
CA SER A 358 8.76 -6.08 8.41
C SER A 358 9.44 -5.46 9.68
N GLY A 359 10.07 -6.31 10.49
CA GLY A 359 10.78 -5.88 11.69
C GLY A 359 9.76 -6.25 12.72
N SER A 360 8.53 -6.01 12.28
CA SER A 360 7.27 -6.73 12.48
C SER A 360 6.31 -5.77 13.14
N THR A 361 5.59 -5.00 12.34
CA THR A 361 4.51 -4.18 12.85
C THR A 361 3.32 -4.47 11.91
N ALA A 362 2.12 -4.75 12.47
CA ALA A 362 0.95 -5.18 11.66
C ALA A 362 -0.39 -4.87 12.33
N THR A 363 -1.43 -4.59 11.54
CA THR A 363 -2.76 -4.36 12.07
C THR A 363 -3.73 -4.79 11.03
N MET A 364 -4.63 -5.69 11.43
CA MET A 364 -5.85 -5.92 10.67
C MET A 364 -6.95 -5.01 11.22
N PHE A 365 -7.74 -4.43 10.34
CA PHE A 365 -8.78 -3.52 10.76
C PHE A 365 -9.95 -3.48 9.75
N SER A 366 -11.07 -2.90 10.16
CA SER A 366 -12.33 -3.09 9.46
C SER A 366 -13.04 -1.78 9.11
N LEU A 367 -13.72 -1.78 7.98
CA LEU A 367 -14.27 -0.58 7.43
C LEU A 367 -15.65 -0.91 6.98
N ARG A 368 -16.55 0.02 7.22
CA ARG A 368 -17.91 -0.14 6.80
C ARG A 368 -18.18 0.94 5.83
N LEU A 369 -18.48 0.55 4.59
CA LEU A 369 -18.69 1.53 3.52
C LEU A 369 -20.13 1.87 3.31
N CYS A 370 -20.36 3.06 2.77
CA CYS A 370 -21.72 3.47 2.61
C CYS A 370 -21.90 4.61 1.67
N GLU A 371 -23.17 5.01 1.60
CA GLU A 371 -23.76 5.99 0.69
C GLU A 371 -23.62 7.41 1.25
N ASN A 372 -23.23 8.39 0.43
CA ASN A 372 -22.94 9.72 0.95
C ASN A 372 -22.81 10.77 -0.15
N GLN A 373 -23.10 12.05 0.10
CA GLN A 373 -23.13 13.06 -0.97
C GLN A 373 -21.80 13.29 -1.67
N SER A 374 -21.81 13.52 -2.98
CA SER A 374 -20.61 14.02 -3.63
C SER A 374 -20.26 15.30 -2.94
N PRO A 375 -18.98 15.64 -2.85
CA PRO A 375 -17.84 14.99 -3.45
C PRO A 375 -17.37 13.79 -2.64
N PHE A 376 -18.00 13.54 -1.49
CA PHE A 376 -17.48 12.51 -0.60
C PHE A 376 -18.29 11.22 -0.69
N SER A 377 -18.20 10.61 -1.87
CA SER A 377 -18.99 9.44 -2.27
C SER A 377 -18.12 8.41 -2.92
N LEU A 378 -18.49 7.14 -2.76
CA LEU A 378 -17.78 6.05 -3.47
C LEU A 378 -17.67 6.26 -5.00
N SER A 379 -18.74 6.68 -5.67
CA SER A 379 -18.69 6.94 -7.13
C SER A 379 -17.75 8.10 -7.52
N ASN A 380 -17.78 9.17 -6.71
CA ASN A 380 -17.02 10.33 -7.03
C ASN A 380 -15.51 10.06 -6.86
N ILE A 381 -15.19 9.25 -5.86
CA ILE A 381 -13.82 8.85 -5.60
C ILE A 381 -13.31 7.97 -6.75
N ALA A 382 -14.16 7.06 -7.22
CA ALA A 382 -13.79 6.24 -8.40
C ALA A 382 -13.59 7.11 -9.65
N SER A 383 -14.41 8.15 -9.78
CA SER A 383 -14.26 9.04 -10.87
C SER A 383 -12.98 9.88 -10.78
N VAL A 384 -12.76 10.61 -9.68
CA VAL A 384 -11.53 11.44 -9.56
C VAL A 384 -10.23 10.64 -9.70
N MET A 385 -10.11 9.52 -8.98
CA MET A 385 -8.90 8.69 -9.07
C MET A 385 -8.54 8.32 -10.49
N ASP A 386 -9.56 8.09 -11.33
CA ASP A 386 -9.36 7.77 -12.76
C ASP A 386 -8.25 6.76 -12.96
N VAL A 387 -8.43 5.60 -12.37
CA VAL A 387 -7.42 4.56 -12.50
C VAL A 387 -7.13 4.15 -13.99
N GLY A 388 -8.20 4.00 -14.80
CA GLY A 388 -8.14 3.54 -16.18
C GLY A 388 -7.33 4.48 -17.00
N GLY A 389 -7.64 5.76 -16.87
CA GLY A 389 -6.98 6.81 -17.59
C GLY A 389 -5.49 6.76 -17.29
N LYS A 390 -5.15 6.44 -16.04
CA LYS A 390 -3.75 6.59 -15.62
C LYS A 390 -2.93 5.39 -16.10
N LEU A 391 -3.55 4.21 -16.00
CA LEU A 391 -2.97 2.98 -16.55
C LEU A 391 -2.70 3.13 -18.07
N LYS A 392 -3.54 3.92 -18.74
CA LYS A 392 -3.34 4.23 -20.14
C LYS A 392 -2.30 5.30 -20.48
N ALA A 393 -1.86 6.10 -19.51
CA ALA A 393 -0.90 7.18 -19.79
C ALA A 393 0.56 6.72 -19.56
N ARG A 394 0.79 5.41 -19.47
CA ARG A 394 2.11 4.83 -19.23
C ARG A 394 3.09 4.78 -20.47
N HIS A 395 4.34 4.46 -20.22
CA HIS A 395 5.37 4.61 -21.20
C HIS A 395 6.31 3.47 -20.90
N GLU A 396 6.37 2.51 -21.79
CA GLU A 396 7.14 1.29 -21.55
C GLU A 396 8.68 1.49 -21.73
N TYR A 397 9.51 0.74 -21.00
CA TYR A 397 10.95 0.70 -21.19
C TYR A 397 11.41 -0.75 -21.53
N ALA A 398 12.46 -0.86 -22.33
CA ALA A 398 13.03 -2.17 -22.60
C ALA A 398 13.72 -2.50 -21.29
N PRO A 399 13.66 -3.76 -20.83
CA PRO A 399 14.44 -4.16 -19.66
C PRO A 399 15.87 -3.60 -19.59
N GLU A 400 16.52 -3.48 -20.75
CA GLU A 400 17.86 -2.80 -20.82
C GLU A 400 17.90 -1.35 -20.36
N LYS A 401 16.95 -0.53 -20.79
CA LYS A 401 16.92 0.88 -20.33
C LYS A 401 16.54 0.93 -18.83
N PHE A 402 15.56 0.15 -18.43
CA PHE A 402 15.31 -0.11 -16.99
C PHE A 402 16.60 -0.37 -16.20
N VAL A 403 17.38 -1.34 -16.62
CA VAL A 403 18.63 -1.58 -15.90
C VAL A 403 19.51 -0.34 -15.83
N GLU A 404 19.78 0.28 -16.97
CA GLU A 404 20.58 1.50 -16.98
C GLU A 404 20.08 2.51 -15.98
N THR A 405 18.75 2.72 -15.98
CA THR A 405 18.09 3.63 -15.02
C THR A 405 18.38 3.21 -13.58
N MET A 406 18.18 1.93 -13.26
CA MET A 406 18.52 1.45 -11.91
C MET A 406 19.92 1.84 -11.45
N LYS A 407 20.89 1.62 -12.35
CA LYS A 407 22.30 2.06 -12.20
C LYS A 407 22.46 3.55 -11.93
N LEU A 408 21.81 4.37 -12.74
CA LEU A 408 21.83 5.79 -12.51
C LEU A 408 21.33 6.09 -11.11
N MET A 409 20.18 5.51 -10.72
CA MET A 409 19.52 5.85 -9.45
C MET A 409 20.41 5.43 -8.33
N GLU A 410 21.14 4.33 -8.51
CA GLU A 410 22.15 3.93 -7.51
C GLU A 410 23.17 5.00 -7.21
N HIS A 411 23.56 5.75 -8.25
CA HIS A 411 24.52 6.87 -8.19
C HIS A 411 23.96 8.18 -7.60
N ARG A 412 22.64 8.36 -7.56
CA ARG A 412 22.11 9.66 -7.12
C ARG A 412 21.52 9.57 -5.68
N TYR A 413 21.35 8.36 -5.19
CA TYR A 413 20.86 8.14 -3.86
C TYR A 413 21.90 8.61 -2.86
N GLY A 414 21.56 9.58 -2.04
CA GLY A 414 22.51 10.14 -1.09
C GLY A 414 23.60 11.03 -1.71
N ALA A 415 23.54 11.30 -3.02
CA ALA A 415 24.53 12.20 -3.66
C ALA A 415 24.10 13.68 -3.65
N LYS A 416 25.06 14.56 -3.87
CA LYS A 416 24.77 16.00 -3.95
C LYS A 416 25.26 16.63 -5.24
N GLU A 417 24.89 17.88 -5.47
CA GLU A 417 25.43 18.68 -6.57
C GLU A 417 25.34 17.98 -7.92
N PHE A 418 24.12 17.69 -8.37
CA PHE A 418 23.91 17.34 -9.78
C PHE A 418 22.69 18.05 -10.30
N VAL A 419 22.58 18.15 -11.61
CA VAL A 419 21.37 18.66 -12.25
C VAL A 419 20.81 17.49 -13.00
N THR A 420 19.50 17.31 -12.92
CA THR A 420 18.94 16.14 -13.55
C THR A 420 18.81 16.30 -15.08
N SER A 421 19.07 15.23 -15.79
CA SER A 421 19.05 15.28 -17.22
C SER A 421 17.62 15.12 -17.70
N LYS A 422 17.06 16.16 -18.30
CA LYS A 422 15.67 16.06 -18.69
C LYS A 422 15.34 15.45 -20.06
N GLU A 423 16.28 15.51 -21.02
CA GLU A 423 16.01 15.03 -22.40
C GLU A 423 15.27 13.71 -22.49
N GLY A 424 14.19 13.71 -23.27
CA GLY A 424 13.48 12.46 -23.52
C GLY A 424 12.71 11.86 -22.34
N ILE A 425 12.93 12.38 -21.13
CA ILE A 425 12.19 11.94 -19.95
C ILE A 425 11.10 12.93 -19.58
N LEU A 426 11.44 14.20 -19.41
CA LEU A 426 10.41 15.20 -19.01
C LEU A 426 9.15 15.10 -19.85
N ASP A 427 9.30 15.01 -21.18
CA ASP A 427 8.16 14.87 -22.10
C ASP A 427 7.28 13.64 -21.80
N LEU A 428 7.87 12.62 -21.18
CA LEU A 428 7.10 11.44 -20.78
C LEU A 428 6.12 11.62 -19.62
N LEU A 429 6.15 12.73 -18.87
CA LEU A 429 5.33 12.89 -17.67
C LEU A 429 4.11 13.82 -17.89
N ALA A 430 2.99 13.51 -17.22
CA ALA A 430 1.71 14.24 -17.36
C ALA A 430 1.87 15.76 -17.13
N PRO A 431 1.16 16.60 -17.92
CA PRO A 431 1.22 18.05 -17.66
C PRO A 431 0.89 18.30 -16.18
N GLY A 432 1.69 19.14 -15.53
CA GLY A 432 1.46 19.48 -14.14
C GLY A 432 2.18 18.64 -13.11
N THR A 433 2.94 17.64 -13.57
CA THR A 433 3.75 16.77 -12.70
C THR A 433 4.93 17.55 -12.05
N TYR A 434 5.23 17.21 -10.80
CA TYR A 434 6.36 17.78 -10.09
C TYR A 434 7.55 16.87 -10.37
N TYR A 435 8.70 17.45 -10.70
CA TYR A 435 9.90 16.68 -11.00
C TYR A 435 11.11 17.32 -10.34
N LEU A 436 12.04 16.50 -9.88
CA LEU A 436 13.31 16.97 -9.35
C LEU A 436 14.16 17.64 -10.46
N LYS A 437 14.41 18.95 -10.33
CA LYS A 437 15.33 19.71 -11.21
C LYS A 437 16.82 19.55 -10.84
N GLU A 438 17.19 19.77 -9.58
CA GLU A 438 18.56 19.58 -9.16
C GLU A 438 18.73 19.44 -7.66
N VAL A 439 19.89 18.89 -7.24
CA VAL A 439 20.41 18.86 -5.84
C VAL A 439 21.76 19.64 -5.70
N ASP A 440 21.78 20.68 -4.86
CA ASP A 440 22.96 21.53 -4.73
C ASP A 440 23.99 20.86 -3.83
N SER A 441 25.13 21.54 -3.65
CA SER A 441 26.30 20.95 -2.94
C SER A 441 26.09 20.88 -1.42
N LEU A 442 24.98 21.45 -0.95
CA LEU A 442 24.61 21.33 0.46
C LEU A 442 23.42 20.34 0.63
N TYR A 443 23.24 19.51 -0.41
CA TYR A 443 22.11 18.55 -0.55
C TYR A 443 20.71 19.13 -0.60
N ARG A 444 20.53 20.43 -0.71
CA ARG A 444 19.17 20.99 -0.78
C ARG A 444 18.49 20.60 -2.11
N ARG A 445 17.20 20.27 -2.05
CA ARG A 445 16.49 19.78 -3.24
C ARG A 445 15.55 20.83 -3.88
N PHE A 446 15.46 20.81 -5.22
CA PHE A 446 14.70 21.81 -5.98
C PHE A 446 13.86 21.16 -7.08
N TYR A 447 12.57 21.45 -7.02
CA TYR A 447 11.53 20.76 -7.80
C TYR A 447 10.82 21.67 -8.78
N GLY A 448 10.55 21.13 -9.95
CA GLY A 448 9.82 21.84 -10.97
C GLY A 448 8.41 21.30 -11.08
N LYS A 449 7.55 22.05 -11.77
CA LYS A 449 6.16 21.64 -12.16
C LYS A 449 5.99 21.64 -13.72
N LYS A 450 4.82 21.19 -14.19
CA LYS A 450 4.47 21.02 -15.64
C LYS A 450 5.44 19.95 -16.13
#